data_2YB8
#
_entry.id   2YB8
#
_cell.length_a   53.031
_cell.length_b   87.189
_cell.length_c   99.539
_cell.angle_alpha   90.00
_cell.angle_beta   90.00
_cell.angle_gamma   90.00
#
_symmetry.space_group_name_H-M   'P 21 21 21'
#
loop_
_entity.id
_entity.type
_entity.pdbx_description
1 polymer 'POLYCOMB PROTEIN SU(Z)12'
2 polymer 'PROBABLE HISTONE-BINDING PROTEIN CAF1'
3 non-polymer 'SULFATE ION'
4 water water
#
loop_
_entity_poly.entity_id
_entity_poly.type
_entity_poly.pdbx_seq_one_letter_code
_entity_poly.pdbx_strand_id
1 'polypeptide(L)' NPIFLNRTLSYMK A
2 'polypeptide(L)'
;GGGRMVDRSDNAAESFDDAVEERVINEEYKIWKKNTPFLYDLVMTHALEWPSLTAQWLPDVTKQDGKDYSVHRLILGTHT
SDEQNHLLIASVQLPSEDAQFDGSHYDNEKGEFGGFGSVCGKIEIEIKINHEGEVNRARYMPQNACVIATKTPSSDVLVF
DYTKHPSKPEPSGECQPDLRLRGHQKEGYGLSWNPNLNGYLLSASDDHTICLWDINATPKEHRVIDAKNIFTGHTAVVED
VAWHLLHESLFGSVADDQKLMIWDTRNNNTSKPSHTVDAHTAEVNCLSFNPYSEFILATGSADKTVALWDLRNLKLKLHS
FESHKDEIFQVQWSPHNETILASSGTDRRLHVWDLSKIGEEQSTEDAEDGPPELLFIHGGHTAKISDFSWNPNEPWIICS
VSEDNIMQVWQMAENVYNDEEP
;
B
#
# COMPACT_ATOMS: atom_id res chain seq x y z
N ASN A 1 21.61 7.97 -5.09
CA ASN A 1 20.20 7.63 -5.31
C ASN A 1 19.92 7.39 -6.82
N PRO A 2 20.23 6.19 -7.37
CA PRO A 2 19.98 5.95 -8.81
C PRO A 2 18.53 6.14 -9.25
N ILE A 3 18.37 6.64 -10.49
CA ILE A 3 17.13 6.88 -11.24
C ILE A 3 16.60 5.51 -11.71
N PHE A 4 17.52 4.62 -12.05
CA PHE A 4 17.26 3.24 -12.48
C PHE A 4 18.53 2.44 -12.27
N LEU A 5 18.47 1.13 -12.45
CA LEU A 5 19.65 0.29 -12.37
C LEU A 5 20.16 0.11 -13.80
N ASN A 6 21.45 0.41 -14.05
CA ASN A 6 22.09 0.28 -15.37
C ASN A 6 21.94 -1.12 -15.94
N ARG A 7 21.91 -2.14 -15.07
CA ARG A 7 21.74 -3.55 -15.46
C ARG A 7 20.30 -3.83 -15.95
N THR A 8 19.34 -2.94 -15.64
CA THR A 8 17.95 -3.19 -16.05
C THR A 8 17.66 -2.52 -17.41
N LEU A 9 18.57 -1.67 -17.93
CA LEU A 9 18.43 -1.10 -19.28
C LEU A 9 18.51 -2.22 -20.33
N SER A 10 17.53 -2.27 -21.25
CA SER A 10 17.44 -3.30 -22.30
C SER A 10 18.74 -3.46 -23.12
N TYR A 11 19.44 -2.33 -23.44
CA TYR A 11 20.67 -2.33 -24.25
C TYR A 11 21.93 -2.72 -23.48
N MET A 12 21.86 -2.81 -22.13
CA MET A 12 23.01 -3.20 -21.32
C MET A 12 23.04 -4.72 -21.13
N LYS A 13 21.92 -5.39 -21.41
CA LYS A 13 21.76 -6.84 -21.27
C LYS A 13 22.25 -7.56 -22.52
N VAL B 20 19.76 23.72 -6.04
CA VAL B 20 18.53 23.31 -5.37
C VAL B 20 18.19 21.83 -5.68
N GLU B 21 17.35 21.22 -4.84
CA GLU B 21 16.91 19.83 -5.00
C GLU B 21 15.96 19.71 -6.21
N GLU B 22 15.10 20.73 -6.44
CA GLU B 22 14.12 20.78 -7.53
C GLU B 22 14.78 20.74 -8.91
N ARG B 23 15.97 21.37 -9.06
CA ARG B 23 16.75 21.40 -10.32
C ARG B 23 17.28 20.00 -10.64
N VAL B 24 17.84 19.31 -9.62
CA VAL B 24 18.36 17.95 -9.72
C VAL B 24 17.21 16.95 -10.04
N ILE B 25 16.02 17.14 -9.42
CA ILE B 25 14.85 16.28 -9.61
C ILE B 25 14.35 16.40 -11.05
N ASN B 26 14.12 17.65 -11.57
CA ASN B 26 13.66 17.88 -12.96
C ASN B 26 14.60 17.27 -13.99
N GLU B 27 15.92 17.36 -13.75
CA GLU B 27 16.99 16.84 -14.63
C GLU B 27 16.99 15.31 -14.64
N GLU B 28 16.93 14.68 -13.45
CA GLU B 28 16.92 13.22 -13.30
C GLU B 28 15.61 12.61 -13.85
N TYR B 29 14.50 13.38 -13.82
CA TYR B 29 13.22 12.97 -14.40
C TYR B 29 13.32 12.89 -15.92
N LYS B 30 14.01 13.86 -16.54
CA LYS B 30 14.19 13.90 -18.00
C LYS B 30 15.05 12.72 -18.45
N ILE B 31 16.06 12.34 -17.63
CA ILE B 31 16.95 11.20 -17.93
C ILE B 31 16.11 9.92 -17.83
N TRP B 32 15.26 9.82 -16.78
CA TRP B 32 14.37 8.69 -16.60
C TRP B 32 13.42 8.61 -17.80
N LYS B 33 12.71 9.73 -18.11
CA LYS B 33 11.72 9.83 -19.17
C LYS B 33 12.29 9.33 -20.50
N LYS B 34 13.47 9.83 -20.91
CA LYS B 34 14.13 9.39 -22.15
C LYS B 34 14.46 7.88 -22.14
N ASN B 35 14.75 7.27 -20.98
CA ASN B 35 15.14 5.86 -20.91
C ASN B 35 13.96 4.87 -20.71
N THR B 36 12.71 5.38 -20.49
CA THR B 36 11.51 4.55 -20.29
C THR B 36 11.34 3.43 -21.38
N PRO B 37 11.62 3.64 -22.71
CA PRO B 37 11.45 2.52 -23.67
C PRO B 37 12.41 1.36 -23.42
N PHE B 38 13.49 1.60 -22.66
CA PHE B 38 14.52 0.59 -22.39
C PHE B 38 14.36 -0.10 -21.03
N LEU B 39 13.42 0.39 -20.20
CA LEU B 39 13.18 -0.12 -18.84
C LEU B 39 11.80 -0.70 -18.64
N TYR B 40 10.80 -0.20 -19.43
CA TYR B 40 9.40 -0.57 -19.29
C TYR B 40 8.80 -1.16 -20.54
N ASP B 41 7.82 -2.08 -20.36
CA ASP B 41 6.96 -2.61 -21.40
C ASP B 41 5.70 -1.77 -21.44
N LEU B 42 5.40 -1.11 -20.31
CA LEU B 42 4.25 -0.23 -20.16
C LEU B 42 4.57 0.89 -19.15
N VAL B 43 4.25 2.13 -19.52
CA VAL B 43 4.42 3.26 -18.63
C VAL B 43 3.41 4.32 -19.05
N MET B 44 2.51 4.66 -18.12
CA MET B 44 1.46 5.68 -18.26
C MET B 44 1.63 6.66 -17.12
N THR B 45 1.49 7.96 -17.40
CA THR B 45 1.59 9.03 -16.40
C THR B 45 0.31 9.87 -16.47
N HIS B 46 -0.29 10.17 -15.32
CA HIS B 46 -1.51 10.95 -15.26
C HIS B 46 -1.47 11.90 -14.07
N ALA B 47 -1.72 13.18 -14.33
CA ALA B 47 -1.79 14.21 -13.30
C ALA B 47 -3.21 14.29 -12.75
N LEU B 48 -3.40 13.93 -11.48
CA LEU B 48 -4.72 14.03 -10.87
C LEU B 48 -4.97 15.46 -10.45
N GLU B 49 -6.24 15.86 -10.27
CA GLU B 49 -6.59 17.22 -9.81
C GLU B 49 -5.92 17.51 -8.44
N TRP B 50 -5.92 16.50 -7.56
CA TRP B 50 -5.30 16.59 -6.24
C TRP B 50 -4.37 15.41 -6.02
N PRO B 51 -3.35 15.51 -5.15
CA PRO B 51 -2.56 14.30 -4.84
C PRO B 51 -3.40 13.25 -4.11
N SER B 52 -3.09 11.97 -4.36
CA SER B 52 -3.72 10.87 -3.66
C SER B 52 -2.74 10.30 -2.64
N LEU B 53 -3.23 10.03 -1.42
CA LEU B 53 -2.42 9.41 -0.36
C LEU B 53 -2.55 7.90 -0.41
N THR B 54 -3.45 7.40 -1.29
CA THR B 54 -3.81 5.99 -1.33
C THR B 54 -3.97 5.48 -2.76
N ALA B 55 -3.68 4.19 -2.96
CA ALA B 55 -3.87 3.54 -4.26
C ALA B 55 -4.12 2.05 -4.05
N GLN B 56 -5.23 1.54 -4.58
CA GLN B 56 -5.54 0.10 -4.52
C GLN B 56 -6.36 -0.30 -5.73
N TRP B 57 -5.89 -1.31 -6.46
CA TRP B 57 -6.64 -1.84 -7.60
C TRP B 57 -7.89 -2.59 -7.12
N LEU B 58 -9.01 -2.39 -7.81
CA LEU B 58 -10.22 -3.17 -7.57
C LEU B 58 -10.01 -4.53 -8.28
N PRO B 59 -10.63 -5.65 -7.82
CA PRO B 59 -10.31 -6.96 -8.45
C PRO B 59 -10.91 -7.23 -9.83
N ASP B 60 -11.97 -6.48 -10.22
CA ASP B 60 -12.70 -6.67 -11.48
C ASP B 60 -11.99 -6.12 -12.74
N VAL B 61 -12.19 -6.83 -13.86
CA VAL B 61 -11.68 -6.47 -15.19
C VAL B 61 -12.85 -6.60 -16.17
N THR B 62 -13.16 -5.51 -16.88
CA THR B 62 -14.23 -5.45 -17.86
C THR B 62 -13.61 -5.55 -19.26
N LYS B 63 -13.84 -6.69 -19.93
CA LYS B 63 -13.37 -6.95 -21.29
C LYS B 63 -14.28 -6.24 -22.26
N GLN B 64 -13.70 -5.47 -23.17
CA GLN B 64 -14.44 -4.69 -24.17
C GLN B 64 -14.51 -5.49 -25.49
N ASP B 65 -15.75 -5.68 -26.02
CA ASP B 65 -16.02 -6.45 -27.24
C ASP B 65 -15.38 -5.80 -28.49
N GLY B 66 -14.42 -6.50 -29.09
CA GLY B 66 -13.72 -6.06 -30.29
C GLY B 66 -12.52 -5.14 -30.09
N LYS B 67 -12.35 -4.60 -28.86
CA LYS B 67 -11.26 -3.67 -28.51
C LYS B 67 -10.03 -4.45 -28.01
N ASP B 68 -8.82 -3.91 -28.23
CA ASP B 68 -7.58 -4.57 -27.81
C ASP B 68 -7.20 -4.24 -26.34
N TYR B 69 -8.11 -3.57 -25.60
CA TYR B 69 -7.87 -3.23 -24.20
C TYR B 69 -9.00 -3.75 -23.30
N SER B 70 -8.68 -3.87 -22.00
CA SER B 70 -9.59 -4.23 -20.92
C SER B 70 -9.66 -3.04 -19.94
N VAL B 71 -10.76 -2.89 -19.21
CA VAL B 71 -10.90 -1.78 -18.27
C VAL B 71 -10.71 -2.30 -16.82
N HIS B 72 -9.68 -1.77 -16.16
CA HIS B 72 -9.32 -2.04 -14.77
C HIS B 72 -9.70 -0.84 -13.92
N ARG B 73 -9.91 -1.02 -12.62
CA ARG B 73 -10.29 0.09 -11.74
C ARG B 73 -9.41 0.19 -10.51
N LEU B 74 -9.26 1.44 -10.03
CA LEU B 74 -8.47 1.81 -8.86
C LEU B 74 -9.26 2.64 -7.88
N ILE B 75 -9.01 2.40 -6.61
CA ILE B 75 -9.51 3.23 -5.54
C ILE B 75 -8.41 4.26 -5.26
N LEU B 76 -8.78 5.53 -5.33
CA LEU B 76 -7.91 6.67 -5.04
C LEU B 76 -8.64 7.59 -4.08
N GLY B 77 -7.93 8.58 -3.61
CA GLY B 77 -8.51 9.57 -2.72
C GLY B 77 -7.92 10.93 -3.06
N THR B 78 -8.43 11.97 -2.43
CA THR B 78 -7.85 13.29 -2.66
C THR B 78 -7.13 13.71 -1.38
N HIS B 79 -6.31 14.72 -1.51
CA HIS B 79 -5.63 15.39 -0.40
C HIS B 79 -5.59 16.87 -0.73
N THR B 80 -6.65 17.57 -0.34
CA THR B 80 -6.77 19.01 -0.51
C THR B 80 -7.17 19.62 0.80
N SER B 81 -6.54 20.75 1.14
CA SER B 81 -6.92 21.35 2.41
C SER B 81 -7.91 22.46 2.19
N ASP B 82 -8.00 23.13 1.03
CA ASP B 82 -9.03 24.17 1.06
C ASP B 82 -10.32 23.61 0.53
N GLU B 83 -10.29 22.83 -0.57
CA GLU B 83 -11.45 22.30 -1.29
C GLU B 83 -12.05 20.98 -0.76
N GLN B 84 -13.17 20.60 -1.37
CA GLN B 84 -13.89 19.38 -1.10
C GLN B 84 -13.01 18.16 -1.41
N ASN B 85 -12.91 17.24 -0.45
CA ASN B 85 -12.19 15.98 -0.64
C ASN B 85 -13.12 14.92 -1.15
N HIS B 86 -12.56 13.93 -1.81
CA HIS B 86 -13.34 12.83 -2.36
C HIS B 86 -12.63 11.53 -2.28
N LEU B 87 -13.43 10.47 -2.15
CA LEU B 87 -13.03 9.08 -2.36
C LEU B 87 -13.26 8.87 -3.85
N LEU B 88 -12.27 8.31 -4.56
CA LEU B 88 -12.38 8.15 -5.99
C LEU B 88 -12.27 6.73 -6.51
N ILE B 89 -13.01 6.44 -7.58
CA ILE B 89 -12.92 5.22 -8.37
C ILE B 89 -12.51 5.68 -9.76
N ALA B 90 -11.29 5.29 -10.17
CA ALA B 90 -10.72 5.62 -11.46
C ALA B 90 -10.73 4.41 -12.40
N SER B 91 -10.96 4.62 -13.69
CA SER B 91 -10.89 3.53 -14.68
C SER B 91 -9.58 3.62 -15.41
N VAL B 92 -9.03 2.48 -15.83
CA VAL B 92 -7.75 2.40 -16.54
C VAL B 92 -7.86 1.39 -17.69
N GLN B 93 -7.51 1.81 -18.91
CA GLN B 93 -7.51 0.93 -20.06
C GLN B 93 -6.13 0.32 -20.17
N LEU B 94 -6.08 -0.98 -20.05
CA LEU B 94 -4.85 -1.75 -20.09
C LEU B 94 -4.95 -2.78 -21.20
N PRO B 95 -3.83 -3.21 -21.84
CA PRO B 95 -3.94 -4.24 -22.90
C PRO B 95 -4.61 -5.53 -22.42
N SER B 96 -5.48 -6.12 -23.26
CA SER B 96 -6.18 -7.38 -22.97
C SER B 96 -5.21 -8.56 -23.02
N GLY B 121 -5.46 3.68 -23.70
CA GLY B 121 -4.55 4.13 -22.66
C GLY B 121 -5.09 5.28 -21.84
N LYS B 122 -6.41 5.41 -21.76
CA LYS B 122 -7.03 6.49 -20.99
C LYS B 122 -7.22 6.08 -19.53
N ILE B 123 -7.04 7.06 -18.65
CA ILE B 123 -7.21 7.01 -17.20
C ILE B 123 -8.19 8.10 -16.88
N GLU B 124 -9.33 7.76 -16.30
CA GLU B 124 -10.30 8.79 -15.94
C GLU B 124 -11.06 8.44 -14.66
N ILE B 125 -11.56 9.47 -13.99
CA ILE B 125 -12.33 9.34 -12.75
C ILE B 125 -13.75 8.96 -13.15
N GLU B 126 -14.23 7.82 -12.64
CA GLU B 126 -15.59 7.32 -12.88
C GLU B 126 -16.53 7.76 -11.78
N ILE B 127 -16.08 7.67 -10.50
CA ILE B 127 -16.87 7.95 -9.30
C ILE B 127 -16.11 8.87 -8.34
N LYS B 128 -16.83 9.88 -7.85
CA LYS B 128 -16.43 10.86 -6.84
C LYS B 128 -17.44 10.78 -5.72
N ILE B 129 -16.98 10.51 -4.51
CA ILE B 129 -17.85 10.44 -3.33
C ILE B 129 -17.28 11.41 -2.31
N ASN B 130 -18.07 12.35 -1.83
CA ASN B 130 -17.63 13.31 -0.81
C ASN B 130 -17.00 12.62 0.37
N HIS B 131 -15.85 13.12 0.79
CA HIS B 131 -15.12 12.63 1.94
C HIS B 131 -14.78 13.81 2.81
N GLU B 132 -14.88 13.64 4.13
CA GLU B 132 -14.56 14.71 5.05
C GLU B 132 -13.07 14.64 5.38
N GLY B 133 -12.32 15.64 4.92
CA GLY B 133 -10.87 15.64 5.08
C GLY B 133 -10.27 14.71 4.06
N GLU B 134 -8.95 14.68 3.98
CA GLU B 134 -8.22 13.85 3.04
C GLU B 134 -8.44 12.35 3.32
N VAL B 135 -8.38 11.52 2.26
CA VAL B 135 -8.50 10.06 2.38
C VAL B 135 -7.09 9.55 2.74
N ASN B 136 -6.83 9.23 4.02
CA ASN B 136 -5.50 8.74 4.44
C ASN B 136 -5.19 7.41 3.78
N ARG B 137 -6.18 6.52 3.75
CA ARG B 137 -6.11 5.19 3.17
C ARG B 137 -7.53 4.71 2.88
N ALA B 138 -7.69 3.98 1.78
CA ALA B 138 -8.97 3.42 1.37
C ALA B 138 -8.74 2.01 0.87
N ARG B 139 -9.46 1.05 1.45
CA ARG B 139 -9.29 -0.36 1.10
C ARG B 139 -10.64 -1.03 0.95
N TYR B 140 -10.81 -1.84 -0.14
CA TYR B 140 -12.06 -2.56 -0.39
C TYR B 140 -12.12 -3.85 0.45
N MET B 141 -13.35 -4.23 0.83
CA MET B 141 -13.64 -5.43 1.62
C MET B 141 -13.40 -6.68 0.72
N PRO B 142 -12.52 -7.64 1.10
CA PRO B 142 -12.23 -8.78 0.21
C PRO B 142 -13.44 -9.63 -0.15
N GLN B 143 -14.46 -9.68 0.73
CA GLN B 143 -15.66 -10.47 0.49
C GLN B 143 -16.72 -9.66 -0.27
N ASN B 144 -16.50 -8.34 -0.49
CA ASN B 144 -17.47 -7.49 -1.21
C ASN B 144 -16.75 -6.22 -1.62
N ALA B 145 -16.20 -6.22 -2.87
CA ALA B 145 -15.41 -5.12 -3.46
C ALA B 145 -16.20 -3.79 -3.64
N CYS B 146 -17.51 -3.80 -3.37
CA CYS B 146 -18.35 -2.59 -3.40
C CYS B 146 -18.19 -1.81 -2.10
N VAL B 147 -17.72 -2.50 -1.04
CA VAL B 147 -17.55 -1.91 0.30
C VAL B 147 -16.09 -1.47 0.46
N ILE B 148 -15.90 -0.16 0.76
CA ILE B 148 -14.58 0.44 0.93
C ILE B 148 -14.52 1.14 2.28
N ALA B 149 -13.49 0.80 3.08
CA ALA B 149 -13.24 1.47 4.36
C ALA B 149 -12.21 2.58 4.16
N THR B 150 -12.36 3.70 4.87
CA THR B 150 -11.41 4.80 4.76
C THR B 150 -10.93 5.26 6.12
N LYS B 151 -9.67 5.69 6.17
CA LYS B 151 -9.06 6.32 7.34
C LYS B 151 -9.12 7.83 7.07
N THR B 152 -9.53 8.61 8.07
CA THR B 152 -9.70 10.06 7.91
C THR B 152 -8.65 10.83 8.73
N PRO B 153 -8.48 12.17 8.54
CA PRO B 153 -7.55 12.91 9.39
C PRO B 153 -8.21 13.25 10.73
N SER B 154 -9.06 12.35 11.25
CA SER B 154 -9.76 12.48 12.53
C SER B 154 -9.86 11.10 13.16
N SER B 155 -10.56 10.97 14.32
CA SER B 155 -10.74 9.68 15.01
C SER B 155 -11.55 8.69 14.17
N ASP B 156 -12.40 9.22 13.27
CA ASP B 156 -13.31 8.47 12.41
C ASP B 156 -12.63 7.55 11.43
N VAL B 157 -13.20 6.34 11.33
CA VAL B 157 -12.91 5.29 10.36
C VAL B 157 -14.26 5.11 9.65
N LEU B 158 -14.29 5.29 8.34
CA LEU B 158 -15.57 5.26 7.62
C LEU B 158 -15.73 4.05 6.72
N VAL B 159 -17.00 3.65 6.46
CA VAL B 159 -17.30 2.55 5.53
C VAL B 159 -18.27 3.08 4.46
N PHE B 160 -17.89 2.92 3.19
CA PHE B 160 -18.69 3.32 2.05
C PHE B 160 -19.07 2.12 1.18
N ASP B 161 -20.29 2.10 0.66
CA ASP B 161 -20.71 1.16 -0.38
C ASP B 161 -20.86 2.06 -1.59
N TYR B 162 -19.85 2.09 -2.49
CA TYR B 162 -19.87 3.03 -3.63
C TYR B 162 -21.06 2.86 -4.56
N THR B 163 -21.69 1.66 -4.63
CA THR B 163 -22.86 1.47 -5.49
C THR B 163 -24.13 2.16 -4.89
N LYS B 164 -24.10 2.54 -3.59
CA LYS B 164 -25.21 3.24 -2.90
C LYS B 164 -25.07 4.79 -3.08
N HIS B 165 -24.14 5.22 -3.94
CA HIS B 165 -23.87 6.64 -4.19
C HIS B 165 -23.93 6.94 -5.69
N PRO B 166 -24.31 8.16 -6.13
CA PRO B 166 -24.23 8.45 -7.59
C PRO B 166 -22.77 8.55 -8.04
N SER B 167 -22.53 8.61 -9.37
CA SER B 167 -21.16 8.73 -9.89
C SER B 167 -20.60 10.14 -9.60
N LYS B 168 -21.49 11.16 -9.68
CA LYS B 168 -21.19 12.58 -9.42
C LYS B 168 -21.76 12.97 -8.04
N PRO B 169 -20.96 13.61 -7.17
CA PRO B 169 -21.48 13.94 -5.84
C PRO B 169 -22.35 15.20 -5.82
N GLU B 170 -23.26 15.23 -4.84
CA GLU B 170 -24.17 16.35 -4.60
C GLU B 170 -23.39 17.59 -4.14
N PRO B 171 -23.86 18.81 -4.50
CA PRO B 171 -23.12 20.03 -4.13
C PRO B 171 -23.23 20.40 -2.64
N SER B 172 -23.92 19.58 -1.82
CA SER B 172 -24.11 19.77 -0.37
C SER B 172 -22.78 19.87 0.41
N GLY B 173 -21.74 19.20 -0.05
CA GLY B 173 -20.45 19.09 0.62
C GLY B 173 -20.46 18.07 1.75
N GLU B 174 -21.56 17.32 1.88
CA GLU B 174 -21.74 16.37 2.97
C GLU B 174 -21.15 15.01 2.71
N CYS B 175 -20.37 14.52 3.67
CA CYS B 175 -19.81 13.18 3.65
C CYS B 175 -20.87 12.26 4.23
N GLN B 176 -21.30 11.26 3.44
CA GLN B 176 -22.38 10.37 3.86
C GLN B 176 -21.92 8.92 3.85
N PRO B 177 -21.08 8.50 4.82
CA PRO B 177 -20.65 7.10 4.82
C PRO B 177 -21.80 6.19 5.24
N ASP B 178 -21.72 4.93 4.87
CA ASP B 178 -22.75 3.97 5.21
C ASP B 178 -22.58 3.55 6.67
N LEU B 179 -21.35 3.55 7.18
CA LEU B 179 -21.04 3.28 8.58
C LEU B 179 -19.96 4.21 9.10
N ARG B 180 -20.03 4.53 10.41
CA ARG B 180 -19.01 5.29 11.12
C ARG B 180 -18.49 4.36 12.19
N LEU B 181 -17.19 4.08 12.18
CA LEU B 181 -16.65 3.15 13.15
C LEU B 181 -15.98 3.90 14.27
N ARG B 182 -16.49 3.66 15.47
CA ARG B 182 -16.06 4.30 16.70
C ARG B 182 -15.08 3.41 17.50
N GLY B 183 -14.12 4.04 18.17
CA GLY B 183 -13.16 3.34 19.02
C GLY B 183 -11.85 4.07 19.17
N HIS B 184 -11.47 4.87 18.16
CA HIS B 184 -10.23 5.64 18.19
C HIS B 184 -10.42 7.08 18.74
N GLN B 185 -9.33 7.67 19.24
CA GLN B 185 -9.28 9.05 19.73
C GLN B 185 -8.55 9.91 18.73
N LYS B 186 -7.75 9.29 17.85
CA LYS B 186 -6.93 10.02 16.89
C LYS B 186 -6.90 9.33 15.52
N GLU B 187 -6.38 10.07 14.53
CA GLU B 187 -6.21 9.63 13.16
C GLU B 187 -5.10 8.58 13.05
N GLY B 188 -5.11 7.89 11.92
CA GLY B 188 -4.11 6.91 11.57
C GLY B 188 -4.11 6.65 10.08
N TYR B 189 -3.32 5.67 9.64
CA TYR B 189 -3.26 5.27 8.24
C TYR B 189 -3.55 3.79 8.10
N GLY B 190 -3.01 2.98 9.04
CA GLY B 190 -3.14 1.53 9.08
C GLY B 190 -4.57 1.05 9.02
N LEU B 191 -4.83 0.13 8.10
CA LEU B 191 -6.15 -0.38 7.77
C LEU B 191 -6.03 -1.75 7.11
N SER B 192 -6.71 -2.75 7.65
CA SER B 192 -6.64 -4.11 7.10
C SER B 192 -7.95 -4.88 7.29
N TRP B 193 -8.52 -5.38 6.17
CA TRP B 193 -9.73 -6.22 6.23
C TRP B 193 -9.35 -7.67 6.40
N ASN B 194 -10.11 -8.44 7.17
CA ASN B 194 -9.85 -9.85 7.38
C ASN B 194 -10.31 -10.65 6.14
N PRO B 195 -9.39 -11.30 5.38
CA PRO B 195 -9.82 -12.03 4.16
C PRO B 195 -10.55 -13.36 4.43
N ASN B 196 -10.55 -13.81 5.69
CA ASN B 196 -11.20 -15.09 6.05
C ASN B 196 -12.47 -14.95 6.88
N LEU B 197 -12.64 -13.85 7.58
CA LEU B 197 -13.77 -13.59 8.44
C LEU B 197 -14.46 -12.34 7.94
N ASN B 198 -15.64 -12.54 7.30
CA ASN B 198 -16.45 -11.51 6.64
C ASN B 198 -16.82 -10.34 7.56
N GLY B 199 -16.36 -9.16 7.19
CA GLY B 199 -16.67 -7.93 7.90
C GLY B 199 -15.71 -7.49 8.98
N TYR B 200 -14.68 -8.30 9.30
CA TYR B 200 -13.71 -7.99 10.35
C TYR B 200 -12.65 -7.01 9.83
N LEU B 201 -12.56 -5.84 10.46
CA LEU B 201 -11.64 -4.78 10.06
C LEU B 201 -10.77 -4.33 11.23
N LEU B 202 -9.47 -4.16 10.95
CA LEU B 202 -8.47 -3.63 11.87
C LEU B 202 -8.02 -2.26 11.43
N SER B 203 -7.76 -1.38 12.40
CA SER B 203 -7.30 -0.01 12.16
C SER B 203 -6.20 0.35 13.15
N ALA B 204 -5.18 1.11 12.70
CA ALA B 204 -4.07 1.57 13.53
C ALA B 204 -4.19 3.09 13.75
N SER B 205 -3.86 3.57 14.93
CA SER B 205 -4.02 4.99 15.22
C SER B 205 -2.83 5.62 15.97
N ASP B 206 -2.75 6.97 15.88
CA ASP B 206 -1.79 7.81 16.59
C ASP B 206 -2.05 7.76 18.09
N ASP B 207 -3.24 7.25 18.51
CA ASP B 207 -3.65 7.12 19.92
C ASP B 207 -3.00 5.89 20.60
N HIS B 208 -2.08 5.18 19.89
CA HIS B 208 -1.30 4.00 20.36
C HIS B 208 -2.13 2.70 20.34
N THR B 209 -3.35 2.74 19.78
CA THR B 209 -4.20 1.54 19.84
C THR B 209 -4.52 0.99 18.45
N ILE B 210 -5.00 -0.25 18.46
CA ILE B 210 -5.50 -0.98 17.30
C ILE B 210 -6.96 -1.26 17.58
N CYS B 211 -7.85 -0.87 16.67
CA CYS B 211 -9.27 -1.18 16.84
C CYS B 211 -9.65 -2.30 15.91
N LEU B 212 -10.60 -3.12 16.38
CA LEU B 212 -11.16 -4.21 15.63
C LEU B 212 -12.68 -4.05 15.61
N TRP B 213 -13.26 -4.08 14.40
CA TRP B 213 -14.70 -4.01 14.21
C TRP B 213 -15.19 -5.17 13.42
N ASP B 214 -16.45 -5.50 13.64
CA ASP B 214 -17.22 -6.41 12.86
C ASP B 214 -18.30 -5.53 12.24
N ILE B 215 -18.15 -5.19 10.95
CA ILE B 215 -19.07 -4.27 10.24
C ILE B 215 -20.44 -4.92 9.95
N ASN B 216 -20.61 -6.22 10.24
CA ASN B 216 -21.90 -6.90 10.05
C ASN B 216 -22.73 -6.77 11.35
N ALA B 217 -22.12 -6.27 12.44
CA ALA B 217 -22.81 -6.05 13.72
C ALA B 217 -23.91 -5.01 13.54
N THR B 218 -24.96 -5.10 14.38
CA THR B 218 -26.10 -4.17 14.29
C THR B 218 -25.63 -2.76 14.65
N PRO B 219 -25.79 -1.80 13.71
CA PRO B 219 -25.39 -0.41 14.00
C PRO B 219 -26.28 0.23 15.06
N LYS B 220 -25.73 1.16 15.83
CA LYS B 220 -26.50 1.91 16.81
C LYS B 220 -26.56 3.38 16.35
N GLU B 221 -27.19 4.25 17.16
CA GLU B 221 -27.41 5.69 16.89
C GLU B 221 -27.47 5.99 15.38
N HIS B 222 -26.49 6.75 14.86
CA HIS B 222 -26.45 7.19 13.48
C HIS B 222 -25.41 6.38 12.66
N ARG B 223 -25.81 5.15 12.20
CA ARG B 223 -24.97 4.23 11.40
C ARG B 223 -23.61 3.95 12.10
N VAL B 224 -23.63 3.82 13.43
CA VAL B 224 -22.41 3.68 14.21
C VAL B 224 -22.21 2.26 14.73
N ILE B 225 -20.96 1.76 14.63
CA ILE B 225 -20.53 0.46 15.17
C ILE B 225 -19.35 0.71 16.10
N ASP B 226 -19.48 0.24 17.34
CA ASP B 226 -18.43 0.35 18.35
C ASP B 226 -17.43 -0.76 18.17
N ALA B 227 -16.17 -0.53 18.57
CA ALA B 227 -15.13 -1.55 18.44
C ALA B 227 -15.43 -2.78 19.28
N LYS B 228 -15.30 -3.96 18.65
CA LYS B 228 -15.45 -5.27 19.26
C LYS B 228 -14.32 -5.42 20.29
N ASN B 229 -13.07 -4.99 19.92
CA ASN B 229 -11.89 -5.03 20.75
C ASN B 229 -10.94 -3.89 20.42
N ILE B 230 -10.13 -3.49 21.41
CA ILE B 230 -9.11 -2.46 21.28
C ILE B 230 -7.82 -3.08 21.84
N PHE B 231 -6.78 -3.14 21.01
CA PHE B 231 -5.51 -3.78 21.36
C PHE B 231 -4.53 -2.70 21.76
N THR B 232 -4.05 -2.80 23.01
CA THR B 232 -3.27 -1.76 23.68
C THR B 232 -1.83 -2.16 24.00
N GLY B 233 -1.25 -3.08 23.23
CA GLY B 233 0.12 -3.52 23.42
C GLY B 233 1.21 -2.49 23.16
N HIS B 234 1.03 -1.60 22.16
CA HIS B 234 2.08 -0.64 21.84
C HIS B 234 2.06 0.57 22.80
N THR B 235 3.21 1.21 22.97
CA THR B 235 3.42 2.37 23.85
C THR B 235 3.79 3.60 23.00
N ALA B 236 3.47 3.52 21.71
CA ALA B 236 3.74 4.55 20.71
C ALA B 236 2.73 4.44 19.55
N VAL B 237 2.70 5.46 18.69
CA VAL B 237 1.84 5.53 17.50
C VAL B 237 1.91 4.19 16.72
N VAL B 238 0.75 3.56 16.47
CA VAL B 238 0.70 2.33 15.68
C VAL B 238 0.65 2.77 14.22
N GLU B 239 1.60 2.32 13.41
CA GLU B 239 1.71 2.75 12.02
C GLU B 239 0.95 1.86 11.04
N ASP B 240 0.92 0.55 11.33
CA ASP B 240 0.26 -0.37 10.41
C ASP B 240 -0.22 -1.60 11.12
N VAL B 241 -1.22 -2.22 10.51
CA VAL B 241 -1.87 -3.46 10.89
C VAL B 241 -2.06 -4.29 9.66
N ALA B 242 -2.03 -5.61 9.82
CA ALA B 242 -2.25 -6.54 8.73
C ALA B 242 -2.70 -7.84 9.29
N TRP B 243 -3.81 -8.35 8.76
CA TRP B 243 -4.27 -9.69 9.09
C TRP B 243 -3.41 -10.73 8.43
N HIS B 244 -3.26 -11.88 9.09
CA HIS B 244 -2.60 -13.03 8.48
C HIS B 244 -3.53 -13.47 7.35
N LEU B 245 -2.99 -13.97 6.25
CA LEU B 245 -3.87 -14.25 5.10
C LEU B 245 -4.53 -15.63 5.13
N LEU B 246 -4.09 -16.54 6.01
CA LEU B 246 -4.68 -17.87 6.16
C LEU B 246 -5.39 -18.05 7.55
N HIS B 247 -4.78 -17.54 8.64
CA HIS B 247 -5.35 -17.68 9.99
C HIS B 247 -6.14 -16.43 10.37
N GLU B 248 -7.47 -16.58 10.36
CA GLU B 248 -8.46 -15.51 10.61
C GLU B 248 -8.32 -14.82 11.98
N SER B 249 -7.67 -15.46 12.95
CA SER B 249 -7.52 -14.95 14.31
C SER B 249 -6.18 -14.27 14.53
N LEU B 250 -5.27 -14.39 13.58
CA LEU B 250 -3.93 -13.84 13.70
C LEU B 250 -3.77 -12.56 12.91
N PHE B 251 -3.05 -11.62 13.51
CA PHE B 251 -2.71 -10.38 12.84
C PHE B 251 -1.43 -9.86 13.40
N GLY B 252 -0.82 -8.95 12.67
CA GLY B 252 0.39 -8.27 13.06
C GLY B 252 0.17 -6.77 13.13
N SER B 253 1.03 -6.07 13.89
CA SER B 253 0.99 -4.61 14.04
C SER B 253 2.41 -4.08 14.22
N VAL B 254 2.66 -2.85 13.77
CA VAL B 254 3.98 -2.24 13.82
C VAL B 254 3.83 -0.80 14.32
N ALA B 255 4.78 -0.31 15.11
CA ALA B 255 4.64 1.01 15.68
C ALA B 255 5.94 1.79 15.80
N ASP B 256 5.84 3.03 16.28
CA ASP B 256 6.93 3.96 16.51
C ASP B 256 7.83 3.53 17.67
N ASP B 257 7.42 2.50 18.44
CA ASP B 257 8.17 1.91 19.55
C ASP B 257 9.23 0.92 19.02
N GLN B 258 9.37 0.81 17.68
CA GLN B 258 10.37 -0.02 16.96
C GLN B 258 10.03 -1.50 17.01
N LYS B 259 8.78 -1.85 17.42
CA LYS B 259 8.35 -3.25 17.56
C LYS B 259 7.35 -3.72 16.50
N LEU B 260 7.41 -5.03 16.27
CA LEU B 260 6.44 -5.80 15.50
C LEU B 260 5.67 -6.61 16.52
N MET B 261 4.34 -6.52 16.53
CA MET B 261 3.61 -7.35 17.48
C MET B 261 2.71 -8.34 16.77
N ILE B 262 2.69 -9.60 17.25
CA ILE B 262 1.84 -10.66 16.68
C ILE B 262 0.70 -10.89 17.65
N TRP B 263 -0.51 -10.80 17.14
CA TRP B 263 -1.70 -10.92 17.98
C TRP B 263 -2.56 -12.08 17.56
N ASP B 264 -3.22 -12.69 18.55
CA ASP B 264 -4.19 -13.76 18.36
C ASP B 264 -5.47 -13.31 19.04
N THR B 265 -6.56 -13.14 18.26
CA THR B 265 -7.86 -12.66 18.78
C THR B 265 -8.53 -13.70 19.69
N ARG B 266 -8.09 -14.97 19.61
CA ARG B 266 -8.62 -16.07 20.43
C ARG B 266 -8.18 -15.88 21.90
N ASN B 267 -7.09 -15.13 22.16
CA ASN B 267 -6.61 -14.79 23.50
C ASN B 267 -7.53 -13.76 24.14
N ASN B 268 -7.66 -13.81 25.46
CA ASN B 268 -8.56 -12.91 26.19
C ASN B 268 -7.90 -11.60 26.65
N ASN B 269 -6.56 -11.53 26.72
CA ASN B 269 -5.88 -10.30 27.10
C ASN B 269 -5.47 -9.51 25.84
N THR B 270 -6.18 -8.37 25.58
CA THR B 270 -5.97 -7.48 24.43
C THR B 270 -4.89 -6.42 24.72
N SER B 271 -4.11 -6.58 25.81
CA SER B 271 -3.02 -5.66 26.14
C SER B 271 -1.64 -6.32 25.98
N LYS B 272 -1.63 -7.65 25.80
CA LYS B 272 -0.38 -8.41 25.67
C LYS B 272 -0.41 -9.24 24.40
N PRO B 273 0.46 -8.96 23.43
CA PRO B 273 0.46 -9.75 22.19
C PRO B 273 1.10 -11.13 22.39
N SER B 274 0.82 -12.07 21.45
CA SER B 274 1.42 -13.40 21.45
C SER B 274 2.93 -13.25 21.41
N HIS B 275 3.45 -12.36 20.54
CA HIS B 275 4.90 -12.10 20.42
C HIS B 275 5.17 -10.63 20.23
N THR B 276 6.31 -10.17 20.80
CA THR B 276 6.87 -8.83 20.66
C THR B 276 8.22 -9.04 20.02
N VAL B 277 8.38 -8.50 18.82
CA VAL B 277 9.61 -8.64 18.06
C VAL B 277 10.33 -7.30 18.06
N ASP B 278 11.62 -7.30 18.46
CA ASP B 278 12.45 -6.09 18.42
C ASP B 278 12.97 -6.03 16.99
N ALA B 279 12.06 -5.64 16.08
CA ALA B 279 12.19 -5.69 14.63
C ALA B 279 13.20 -4.73 14.03
N HIS B 280 13.24 -3.48 14.51
CA HIS B 280 14.06 -2.45 13.90
C HIS B 280 14.72 -1.54 14.93
N THR B 281 15.62 -0.65 14.47
CA THR B 281 16.33 0.33 15.31
C THR B 281 15.66 1.74 15.22
N ALA B 282 14.54 1.82 14.50
CA ALA B 282 13.75 3.05 14.34
C ALA B 282 12.27 2.66 14.19
N GLU B 283 11.38 3.65 13.97
CA GLU B 283 9.94 3.46 13.77
C GLU B 283 9.65 2.42 12.68
N VAL B 284 8.68 1.53 12.93
CA VAL B 284 8.26 0.51 11.96
C VAL B 284 6.98 1.04 11.34
N ASN B 285 7.05 1.40 10.04
CA ASN B 285 5.95 2.04 9.33
C ASN B 285 4.96 1.11 8.67
N CYS B 286 5.38 -0.07 8.26
CA CYS B 286 4.50 -0.99 7.53
C CYS B 286 4.89 -2.42 7.76
N LEU B 287 3.98 -3.31 7.39
CA LEU B 287 4.12 -4.75 7.42
C LEU B 287 3.16 -5.33 6.38
N SER B 288 3.51 -6.51 5.88
CA SER B 288 2.72 -7.23 4.90
C SER B 288 3.04 -8.72 4.97
N PHE B 289 2.01 -9.56 4.94
CA PHE B 289 2.12 -11.02 4.94
C PHE B 289 2.23 -11.52 3.52
N ASN B 290 3.13 -12.51 3.31
CA ASN B 290 3.33 -13.11 2.00
C ASN B 290 2.04 -13.84 1.57
N PRO B 291 1.51 -13.61 0.35
CA PRO B 291 0.26 -14.28 -0.05
C PRO B 291 0.44 -15.76 -0.46
N TYR B 292 1.67 -16.25 -0.54
CA TYR B 292 1.88 -17.65 -0.91
C TYR B 292 2.36 -18.46 0.28
N SER B 293 3.25 -17.89 1.11
CA SER B 293 3.74 -18.57 2.31
C SER B 293 3.00 -18.08 3.55
N GLU B 294 2.42 -19.00 4.30
CA GLU B 294 1.68 -18.73 5.53
C GLU B 294 2.61 -18.43 6.72
N PHE B 295 3.93 -18.47 6.52
CA PHE B 295 4.90 -18.23 7.59
C PHE B 295 5.68 -16.95 7.42
N ILE B 296 5.68 -16.35 6.21
CA ILE B 296 6.51 -15.22 5.87
C ILE B 296 5.77 -13.87 5.91
N LEU B 297 6.46 -12.87 6.41
CA LEU B 297 6.00 -11.50 6.44
C LEU B 297 7.20 -10.53 6.31
N ALA B 298 6.92 -9.29 5.92
CA ALA B 298 7.93 -8.26 5.79
C ALA B 298 7.55 -7.06 6.60
N THR B 299 8.55 -6.30 7.09
CA THR B 299 8.34 -5.04 7.80
C THR B 299 9.17 -3.98 7.11
N GLY B 300 8.67 -2.75 7.08
CA GLY B 300 9.39 -1.62 6.50
C GLY B 300 9.63 -0.60 7.59
N SER B 301 10.79 0.07 7.59
CA SER B 301 11.09 0.95 8.72
C SER B 301 11.78 2.28 8.36
N ALA B 302 11.76 3.23 9.31
CA ALA B 302 12.46 4.54 9.22
C ALA B 302 14.00 4.32 9.29
N ASP B 303 14.46 3.12 9.75
CA ASP B 303 15.90 2.75 9.81
C ASP B 303 16.44 2.40 8.39
N LYS B 304 15.65 2.70 7.34
CA LYS B 304 15.95 2.55 5.91
C LYS B 304 16.00 1.08 5.46
N THR B 305 15.42 0.16 6.24
CA THR B 305 15.42 -1.24 5.83
C THR B 305 14.01 -1.87 5.76
N VAL B 306 13.96 -2.98 5.03
CA VAL B 306 12.85 -3.90 4.92
C VAL B 306 13.36 -5.19 5.55
N ALA B 307 12.69 -5.65 6.61
CA ALA B 307 13.07 -6.91 7.24
C ALA B 307 12.10 -8.05 6.87
N LEU B 308 12.65 -9.24 6.75
CA LEU B 308 11.92 -10.47 6.44
C LEU B 308 11.82 -11.32 7.70
N TRP B 309 10.62 -11.87 7.97
CA TRP B 309 10.34 -12.64 9.17
C TRP B 309 9.67 -13.93 8.87
N ASP B 310 9.97 -14.95 9.69
CA ASP B 310 9.32 -16.25 9.66
C ASP B 310 8.64 -16.42 10.99
N LEU B 311 7.32 -16.71 10.97
CA LEU B 311 6.50 -16.91 12.17
C LEU B 311 6.98 -18.14 12.97
N ARG B 312 7.72 -19.06 12.31
CA ARG B 312 8.23 -20.26 12.98
C ARG B 312 9.53 -19.97 13.73
N ASN B 313 10.19 -18.83 13.46
CA ASN B 313 11.46 -18.44 14.10
C ASN B 313 11.58 -16.90 14.19
N LEU B 314 10.72 -16.27 15.04
CA LEU B 314 10.69 -14.81 15.17
C LEU B 314 11.89 -14.19 15.92
N LYS B 315 12.71 -15.01 16.59
CA LYS B 315 13.88 -14.47 17.31
C LYS B 315 15.04 -14.18 16.34
N LEU B 316 14.93 -14.66 15.09
CA LEU B 316 15.96 -14.48 14.07
C LEU B 316 15.38 -13.84 12.81
N LYS B 317 15.87 -12.64 12.47
CA LYS B 317 15.52 -11.89 11.27
C LYS B 317 16.08 -12.64 10.06
N LEU B 318 15.21 -13.04 9.12
CA LEU B 318 15.59 -13.83 7.95
C LEU B 318 16.54 -13.08 7.01
N HIS B 319 16.25 -11.80 6.74
CA HIS B 319 17.01 -10.95 5.84
C HIS B 319 16.67 -9.49 6.07
N SER B 320 17.58 -8.59 5.66
CA SER B 320 17.43 -7.15 5.77
C SER B 320 17.80 -6.49 4.44
N PHE B 321 16.80 -5.93 3.73
CA PHE B 321 17.01 -5.24 2.44
C PHE B 321 17.35 -3.79 2.75
N GLU B 322 18.53 -3.33 2.34
CA GLU B 322 18.96 -1.97 2.66
C GLU B 322 19.02 -1.05 1.41
N SER B 323 18.51 0.19 1.56
CA SER B 323 18.47 1.23 0.51
C SER B 323 18.76 2.59 1.15
N HIS B 324 19.86 3.22 0.70
CA HIS B 324 20.42 4.49 1.18
C HIS B 324 19.39 5.63 1.25
N LYS B 325 19.41 6.38 2.38
CA LYS B 325 18.62 7.57 2.73
C LYS B 325 17.14 7.47 2.27
N ASP B 326 16.52 6.30 2.50
CA ASP B 326 15.13 6.01 2.14
C ASP B 326 14.38 5.44 3.35
N GLU B 327 13.61 6.28 4.04
CA GLU B 327 12.76 5.83 5.15
C GLU B 327 11.52 5.14 4.54
N ILE B 328 11.41 3.81 4.69
CA ILE B 328 10.35 3.00 4.08
C ILE B 328 8.99 3.19 4.78
N PHE B 329 7.94 3.50 3.98
CA PHE B 329 6.56 3.68 4.44
C PHE B 329 5.57 2.64 3.90
N GLN B 330 5.90 2.00 2.76
CA GLN B 330 5.00 1.00 2.16
C GLN B 330 5.82 -0.18 1.61
N VAL B 331 5.33 -1.39 1.87
CA VAL B 331 5.89 -2.67 1.44
C VAL B 331 4.70 -3.51 0.93
N GLN B 332 4.82 -4.06 -0.29
CA GLN B 332 3.77 -4.88 -0.85
C GLN B 332 4.36 -6.07 -1.57
N TRP B 333 3.85 -7.25 -1.23
CA TRP B 333 4.26 -8.49 -1.89
C TRP B 333 3.57 -8.58 -3.23
N SER B 334 4.22 -9.21 -4.22
CA SER B 334 3.60 -9.42 -5.53
C SER B 334 2.42 -10.41 -5.39
N PRO B 335 1.25 -10.18 -6.03
CA PRO B 335 0.16 -11.16 -5.94
C PRO B 335 0.37 -12.35 -6.89
N HIS B 336 1.43 -12.34 -7.71
CA HIS B 336 1.69 -13.40 -8.70
C HIS B 336 2.98 -14.18 -8.47
N ASN B 337 3.94 -13.61 -7.74
CA ASN B 337 5.22 -14.26 -7.53
C ASN B 337 5.66 -14.16 -6.07
N GLU B 338 5.71 -15.31 -5.39
CA GLU B 338 6.07 -15.53 -3.97
C GLU B 338 7.32 -14.78 -3.51
N THR B 339 8.39 -14.77 -4.32
CA THR B 339 9.68 -14.19 -3.93
C THR B 339 9.80 -12.70 -4.24
N ILE B 340 8.76 -12.08 -4.80
CA ILE B 340 8.81 -10.68 -5.21
C ILE B 340 8.03 -9.75 -4.28
N LEU B 341 8.66 -8.64 -3.88
CA LEU B 341 8.05 -7.59 -3.08
C LEU B 341 8.61 -6.24 -3.49
N ALA B 342 7.82 -5.19 -3.27
CA ALA B 342 8.22 -3.84 -3.61
C ALA B 342 8.15 -2.93 -2.38
N SER B 343 8.96 -1.86 -2.37
CA SER B 343 8.97 -0.91 -1.25
C SER B 343 9.05 0.52 -1.75
N SER B 344 8.51 1.43 -0.96
CA SER B 344 8.57 2.86 -1.21
C SER B 344 8.77 3.55 0.11
N GLY B 345 9.45 4.67 0.05
CA GLY B 345 9.75 5.47 1.22
C GLY B 345 9.66 6.95 0.95
N THR B 346 10.74 7.65 1.26
CA THR B 346 10.86 9.09 1.14
C THR B 346 11.77 9.52 -0.01
N ASP B 347 12.60 8.60 -0.54
CA ASP B 347 13.59 8.90 -1.59
C ASP B 347 13.02 9.06 -3.02
N ARG B 348 11.66 9.05 -3.19
CA ARG B 348 10.92 9.23 -4.48
C ARG B 348 11.07 8.03 -5.44
N ARG B 349 11.79 6.98 -5.04
CA ARG B 349 11.94 5.78 -5.86
C ARG B 349 11.04 4.63 -5.37
N LEU B 350 10.78 3.67 -6.24
CA LEU B 350 10.08 2.46 -5.89
C LEU B 350 11.03 1.29 -6.18
N HIS B 351 11.37 0.51 -5.14
CA HIS B 351 12.29 -0.61 -5.28
C HIS B 351 11.52 -1.92 -5.31
N VAL B 352 11.92 -2.81 -6.23
CA VAL B 352 11.34 -4.13 -6.40
C VAL B 352 12.45 -5.12 -6.08
N TRP B 353 12.18 -6.03 -5.12
CA TRP B 353 13.13 -7.02 -4.63
C TRP B 353 12.72 -8.43 -5.02
N ASP B 354 13.72 -9.26 -5.28
CA ASP B 354 13.56 -10.68 -5.60
C ASP B 354 14.38 -11.51 -4.58
N LEU B 355 13.69 -12.11 -3.57
CA LEU B 355 14.21 -12.98 -2.50
C LEU B 355 15.05 -14.14 -2.99
N SER B 356 14.68 -14.72 -4.14
CA SER B 356 15.35 -15.88 -4.72
C SER B 356 16.81 -15.56 -5.18
N LYS B 357 17.12 -14.27 -5.41
CA LYS B 357 18.42 -13.81 -5.87
C LYS B 357 19.37 -13.45 -4.70
N ILE B 358 18.96 -13.71 -3.43
CA ILE B 358 19.82 -13.41 -2.26
C ILE B 358 21.02 -14.39 -2.26
N GLY B 359 22.22 -13.82 -2.11
CA GLY B 359 23.48 -14.55 -2.06
C GLY B 359 23.97 -15.07 -3.40
N GLU B 360 23.50 -14.45 -4.50
CA GLU B 360 23.86 -14.83 -5.85
C GLU B 360 25.17 -14.18 -6.30
N GLU B 361 25.91 -14.89 -7.18
CA GLU B 361 27.15 -14.40 -7.76
C GLU B 361 26.82 -13.35 -8.82
N GLN B 362 27.53 -12.21 -8.75
CA GLN B 362 27.36 -11.08 -9.66
C GLN B 362 28.64 -10.71 -10.39
N SER B 363 28.51 -10.23 -11.64
CA SER B 363 29.62 -9.70 -12.43
C SER B 363 29.94 -8.34 -11.82
N THR B 364 31.23 -7.95 -11.78
CA THR B 364 31.68 -6.67 -11.17
C THR B 364 30.88 -5.46 -11.70
N GLU B 365 30.43 -5.53 -12.98
CA GLU B 365 29.60 -4.52 -13.66
C GLU B 365 28.20 -4.46 -13.01
N ASP B 366 27.53 -5.62 -12.87
CA ASP B 366 26.20 -5.74 -12.24
C ASP B 366 26.24 -5.29 -10.79
N ALA B 367 27.25 -5.77 -10.02
CA ALA B 367 27.47 -5.49 -8.60
C ALA B 367 27.58 -3.99 -8.29
N GLU B 368 27.87 -3.16 -9.31
CA GLU B 368 27.96 -1.70 -9.23
C GLU B 368 26.58 -1.05 -9.02
N ASP B 369 25.49 -1.72 -9.47
CA ASP B 369 24.11 -1.23 -9.32
C ASP B 369 23.52 -1.55 -7.94
N GLY B 370 24.11 -2.51 -7.23
CA GLY B 370 23.67 -2.91 -5.90
C GLY B 370 23.62 -4.42 -5.69
N PRO B 371 22.99 -4.87 -4.58
CA PRO B 371 22.91 -6.33 -4.33
C PRO B 371 22.03 -7.02 -5.36
N PRO B 372 22.22 -8.34 -5.65
CA PRO B 372 21.41 -8.99 -6.69
C PRO B 372 19.90 -9.07 -6.37
N GLU B 373 19.51 -9.00 -5.07
CA GLU B 373 18.11 -9.06 -4.64
C GLU B 373 17.35 -7.78 -5.06
N LEU B 374 18.08 -6.69 -5.40
CA LEU B 374 17.47 -5.48 -5.94
C LEU B 374 17.22 -5.72 -7.42
N LEU B 375 15.97 -6.13 -7.75
CA LEU B 375 15.56 -6.46 -9.10
C LEU B 375 15.41 -5.23 -9.98
N PHE B 376 14.72 -4.20 -9.49
CA PHE B 376 14.38 -3.03 -10.31
C PHE B 376 14.13 -1.81 -9.47
N ILE B 377 14.46 -0.63 -10.01
CA ILE B 377 14.21 0.69 -9.43
C ILE B 377 13.35 1.45 -10.43
N HIS B 378 12.22 2.00 -9.94
CA HIS B 378 11.30 2.84 -10.70
C HIS B 378 11.57 4.28 -10.25
N GLY B 379 12.13 5.09 -11.14
CA GLY B 379 12.46 6.47 -10.81
C GLY B 379 11.57 7.47 -11.49
N GLY B 380 10.32 7.09 -11.77
CA GLY B 380 9.36 7.95 -12.47
C GLY B 380 8.82 9.13 -11.70
N HIS B 381 8.80 9.04 -10.35
CA HIS B 381 8.21 10.10 -9.53
C HIS B 381 9.21 11.21 -9.16
N THR B 382 8.68 12.43 -9.04
CA THR B 382 9.43 13.66 -8.75
C THR B 382 9.07 14.19 -7.36
N ALA B 383 8.36 13.36 -6.58
CA ALA B 383 7.97 13.64 -5.20
C ALA B 383 7.81 12.30 -4.47
N LYS B 384 7.75 12.35 -3.14
CA LYS B 384 7.59 11.17 -2.29
C LYS B 384 6.40 10.33 -2.77
N ILE B 385 6.59 9.01 -2.87
CA ILE B 385 5.51 8.09 -3.24
C ILE B 385 4.66 7.89 -1.99
N SER B 386 3.35 8.15 -2.08
CA SER B 386 2.48 7.98 -0.91
C SER B 386 1.95 6.57 -0.78
N ASP B 387 1.69 5.92 -1.92
CA ASP B 387 1.18 4.55 -1.94
C ASP B 387 1.41 3.92 -3.29
N PHE B 388 1.35 2.59 -3.33
CA PHE B 388 1.39 1.83 -4.56
C PHE B 388 0.62 0.53 -4.39
N SER B 389 0.25 -0.07 -5.51
CA SER B 389 -0.56 -1.28 -5.56
C SER B 389 -0.22 -2.10 -6.78
N TRP B 390 -0.05 -3.41 -6.57
CA TRP B 390 0.20 -4.36 -7.67
C TRP B 390 -1.12 -4.69 -8.31
N ASN B 391 -1.21 -4.66 -9.65
CA ASN B 391 -2.40 -5.08 -10.36
C ASN B 391 -2.61 -6.58 -10.10
N PRO B 392 -3.77 -7.02 -9.58
CA PRO B 392 -3.93 -8.47 -9.29
C PRO B 392 -4.32 -9.31 -10.53
N ASN B 393 -4.59 -8.67 -11.67
CA ASN B 393 -5.02 -9.39 -12.86
C ASN B 393 -3.94 -9.44 -13.94
N GLU B 394 -3.10 -8.41 -14.00
CA GLU B 394 -2.03 -8.33 -14.98
C GLU B 394 -0.68 -8.35 -14.29
N PRO B 395 0.05 -9.48 -14.35
CA PRO B 395 1.36 -9.56 -13.66
C PRO B 395 2.35 -8.46 -14.01
N TRP B 396 3.04 -7.94 -12.97
CA TRP B 396 4.09 -6.92 -13.02
C TRP B 396 3.57 -5.49 -13.22
N ILE B 397 2.25 -5.31 -13.37
CA ILE B 397 1.73 -3.96 -13.47
C ILE B 397 1.54 -3.41 -12.08
N ILE B 398 2.02 -2.16 -11.86
CA ILE B 398 1.91 -1.45 -10.59
C ILE B 398 1.34 -0.05 -10.83
N CYS B 399 0.52 0.41 -9.89
CA CYS B 399 0.08 1.79 -9.85
C CYS B 399 0.77 2.44 -8.65
N SER B 400 1.47 3.56 -8.86
CA SER B 400 2.09 4.29 -7.77
C SER B 400 1.60 5.75 -7.80
N VAL B 401 1.40 6.34 -6.61
CA VAL B 401 0.92 7.72 -6.53
C VAL B 401 1.88 8.53 -5.65
N SER B 402 2.08 9.81 -6.02
CA SER B 402 3.01 10.65 -5.29
C SER B 402 2.35 11.95 -4.82
N GLU B 403 3.04 12.65 -3.91
CA GLU B 403 2.64 13.90 -3.25
C GLU B 403 2.44 15.10 -4.18
N ASP B 404 3.00 15.06 -5.39
CA ASP B 404 2.88 16.16 -6.34
C ASP B 404 1.69 15.98 -7.29
N ASN B 405 0.79 14.99 -7.00
CA ASN B 405 -0.47 14.64 -7.66
C ASN B 405 -0.31 13.67 -8.85
N ILE B 406 0.88 13.08 -9.03
CA ILE B 406 1.08 12.16 -10.15
C ILE B 406 0.65 10.73 -9.80
N MET B 407 0.01 10.08 -10.76
CA MET B 407 -0.29 8.66 -10.69
C MET B 407 0.41 8.03 -11.88
N GLN B 408 1.13 6.95 -11.66
CA GLN B 408 1.78 6.25 -12.77
C GLN B 408 1.37 4.81 -12.77
N VAL B 409 1.09 4.28 -13.95
CA VAL B 409 0.74 2.88 -14.17
C VAL B 409 1.86 2.37 -14.98
N TRP B 410 2.62 1.40 -14.47
CA TRP B 410 3.80 0.93 -15.17
C TRP B 410 4.10 -0.54 -14.95
N GLN B 411 4.92 -1.06 -15.86
CA GLN B 411 5.34 -2.44 -15.87
C GLN B 411 6.77 -2.49 -16.36
N MET B 412 7.69 -3.01 -15.53
CA MET B 412 9.09 -3.18 -15.95
C MET B 412 9.17 -4.10 -17.20
N ALA B 413 10.23 -3.97 -18.00
CA ALA B 413 10.41 -4.81 -19.21
C ALA B 413 10.45 -6.30 -18.81
N GLU B 414 9.72 -7.16 -19.58
CA GLU B 414 9.61 -8.62 -19.35
C GLU B 414 10.98 -9.22 -19.07
N ASN B 415 11.96 -8.65 -19.72
CA ASN B 415 13.37 -8.94 -19.70
C ASN B 415 14.06 -8.85 -18.33
N VAL B 416 13.67 -7.88 -17.49
CA VAL B 416 14.25 -7.65 -16.17
C VAL B 416 14.01 -8.86 -15.24
N TYR B 417 12.83 -9.52 -15.34
CA TYR B 417 12.52 -10.67 -14.48
C TYR B 417 12.71 -12.06 -15.16
N ASN B 418 12.80 -12.13 -16.51
CA ASN B 418 13.03 -13.38 -17.24
C ASN B 418 14.40 -13.39 -17.89
#